data_7BC8
#
_entry.id   7BC8
#
_cell.length_a   59.728
_cell.length_b   73.312
_cell.length_c   78.537
_cell.angle_alpha   90.000
_cell.angle_beta   90.000
_cell.angle_gamma   90.000
#
_symmetry.space_group_name_H-M   'P 21 21 21'
#
loop_
_entity.id
_entity.type
_entity.pdbx_description
1 polymer 'Palmitoleoyl-protein carboxylesterase NOTUM'
2 non-polymer 'SULFATE ION'
3 non-polymer 2-acetamido-2-deoxy-beta-D-glucopyranose
4 non-polymer 1,2-ETHANEDIOL
5 non-polymer 2-(benzyloxy)benzohydrazide
6 water water
#
_entity_poly.entity_id   1
_entity_poly.type   'polypeptide(L)'
_entity_poly.pdbx_seq_one_letter_code
;ETGSAQQLNEDLRLHLLLNTSVTCNDGSPAGYYLKESRGSRRWLLFLEGGWYCFNRENCDSRYDTMRRLMSSRDWPRTRT
GTGILSSQPEENPYWWNANMVFIPYCSSDVWSGASSKSEKNEYAFMGALIIQEVVRELLGRGLSGAKVLLLAGSSAGGTG
VLLNVDRVAEQLEKLGYPAIQVRGLADSGWFLDNKQYRHTDCVDTITCAPTEAIRRGIRYWNGVVPERCRRQFQEGEEWN
CFFGYKVYPTLRSPVFVVQWLFDEAQLTVDNVHLTGQPVQEGLRLYIQNLGRELRHTLKDVPASFAPACLSHEIIIRSHW
TDVQVKGTSLPRALHCWDRSLHDSHKASKTPLKGCPVHLVDSCPWPHCNPSCPTGTKHHHHHH
;
_entity_poly.pdbx_strand_id   A
#
loop_
_chem_comp.id
_chem_comp.type
_chem_comp.name
_chem_comp.formula
EDO non-polymer 1,2-ETHANEDIOL 'C2 H6 O2'
NAG D-saccharide, beta linking 2-acetamido-2-deoxy-beta-D-glucopyranose 'C8 H15 N O6'
SO4 non-polymer 'SULFATE ION' 'O4 S -2'
TAH non-polymer 2-(benzyloxy)benzohydrazide 'C14 H14 N2 O2'
#
# COMPACT_ATOMS: atom_id res chain seq x y z
N ASP A 11 5.85 20.92 2.65
CA ASP A 11 7.00 20.20 2.13
C ASP A 11 7.58 19.23 3.15
N LEU A 12 7.84 18.02 2.70
CA LEU A 12 8.58 17.00 3.44
C LEU A 12 10.02 16.99 2.90
N ARG A 13 11.01 16.88 3.78
CA ARG A 13 12.41 16.96 3.39
C ARG A 13 13.09 15.60 3.41
N LEU A 14 13.94 15.37 2.40
CA LEU A 14 14.57 14.07 2.15
C LEU A 14 15.69 13.77 3.14
N HIS A 15 15.71 12.53 3.62
CA HIS A 15 16.82 11.96 4.39
C HIS A 15 17.22 10.63 3.75
N LEU A 16 18.47 10.55 3.30
CA LEU A 16 18.99 9.27 2.84
C LEU A 16 19.37 8.42 4.06
N LEU A 17 19.15 7.12 3.94
CA LEU A 17 19.40 6.19 5.04
C LEU A 17 20.87 6.23 5.46
N LEU A 18 21.09 6.36 6.77
CA LEU A 18 22.44 6.34 7.34
C LEU A 18 23.14 5.01 7.09
N ASN A 19 22.37 3.93 7.09
CA ASN A 19 22.91 2.61 6.77
C ASN A 19 22.91 2.46 5.25
N THR A 20 24.06 2.74 4.63
CA THR A 20 24.15 2.75 3.17
C THR A 20 24.10 1.36 2.55
N SER A 21 24.04 0.28 3.34
CA SER A 21 23.86 -1.07 2.82
CA SER A 21 23.86 -1.05 2.79
C SER A 21 22.40 -1.39 2.54
N VAL A 22 21.47 -0.49 2.85
CA VAL A 22 20.07 -0.66 2.51
C VAL A 22 19.82 0.25 1.31
N THR A 23 19.61 -0.34 0.14
CA THR A 23 19.74 0.39 -1.12
C THR A 23 18.52 0.18 -2.02
N CYS A 24 18.36 1.14 -2.94
CA CYS A 24 17.51 0.98 -4.11
C CYS A 24 18.07 -0.09 -5.05
N ASN A 25 17.35 -0.36 -6.15
CA ASN A 25 17.73 -1.42 -7.10
C ASN A 25 19.18 -1.29 -7.56
N ASP A 26 19.65 -0.08 -7.85
CA ASP A 26 20.97 0.10 -8.45
C ASP A 26 22.09 0.28 -7.43
N GLY A 27 21.81 0.18 -6.13
CA GLY A 27 22.82 0.29 -5.11
C GLY A 27 22.94 1.65 -4.46
N SER A 28 22.26 2.65 -4.99
CA SER A 28 22.20 3.95 -4.33
C SER A 28 21.39 3.84 -3.03
N PRO A 29 21.66 4.73 -2.07
CA PRO A 29 20.95 4.63 -0.77
C PRO A 29 19.47 4.88 -0.94
N ALA A 30 18.65 4.11 -0.23
CA ALA A 30 17.23 4.42 -0.08
C ALA A 30 17.04 5.56 0.92
N GLY A 31 15.79 5.92 1.20
CA GLY A 31 15.55 7.06 2.08
C GLY A 31 14.07 7.30 2.33
N TYR A 32 13.77 8.47 2.92
CA TYR A 32 12.41 8.87 3.24
C TYR A 32 12.33 10.39 3.26
N TYR A 33 11.11 10.91 3.05
CA TYR A 33 10.81 12.33 3.21
C TYR A 33 10.03 12.52 4.51
N LEU A 34 10.41 13.51 5.32
CA LEU A 34 9.88 13.71 6.66
C LEU A 34 9.41 15.14 6.89
N LYS A 35 8.24 15.30 7.52
CA LYS A 35 7.83 16.57 8.08
C LYS A 35 7.30 16.30 9.48
N GLU A 36 7.99 16.82 10.50
CA GLU A 36 7.64 16.54 11.88
C GLU A 36 6.54 17.48 12.37
N SER A 37 5.76 17.01 13.35
CA SER A 37 4.72 17.80 14.02
C SER A 37 4.87 17.52 15.52
N ARG A 38 5.65 18.36 16.20
CA ARG A 38 6.10 18.04 17.55
C ARG A 38 4.99 18.06 18.59
N GLY A 39 3.82 18.62 18.27
CA GLY A 39 2.68 18.54 19.16
C GLY A 39 1.78 17.34 18.95
N SER A 40 2.23 16.34 18.19
CA SER A 40 1.43 15.16 17.85
C SER A 40 2.21 13.89 18.15
N ARG A 41 1.51 12.87 18.63
CA ARG A 41 2.11 11.57 18.84
C ARG A 41 1.62 10.56 17.80
N ARG A 42 1.10 11.03 16.68
CA ARG A 42 0.66 10.17 15.59
C ARG A 42 1.65 10.27 14.43
N TRP A 43 1.95 9.11 13.83
CA TRP A 43 2.93 9.01 12.74
C TRP A 43 2.30 8.25 11.57
N LEU A 44 2.35 8.86 10.39
CA LEU A 44 1.82 8.27 9.16
C LEU A 44 3.01 7.98 8.25
N LEU A 45 3.25 6.70 7.95
CA LEU A 45 4.32 6.27 7.04
C LEU A 45 3.69 5.72 5.77
N PHE A 46 3.87 6.41 4.64
CA PHE A 46 3.17 6.10 3.40
C PHE A 46 4.11 5.43 2.40
N LEU A 47 3.69 4.28 1.86
CA LEU A 47 4.46 3.53 0.87
C LEU A 47 3.98 3.87 -0.55
N GLU A 48 4.89 4.41 -1.37
CA GLU A 48 4.60 4.69 -2.78
C GLU A 48 4.42 3.39 -3.57
N GLY A 49 3.65 3.46 -4.67
CA GLY A 49 3.49 2.37 -5.61
C GLY A 49 4.16 2.61 -6.95
N GLY A 50 3.87 1.71 -7.90
CA GLY A 50 4.38 1.80 -9.26
C GLY A 50 4.82 0.50 -9.93
N TRP A 51 3.95 -0.50 -9.96
CA TRP A 51 4.13 -1.84 -10.60
C TRP A 51 5.36 -2.51 -9.98
N TYR A 52 6.20 -3.18 -10.79
CA TYR A 52 7.31 -4.03 -10.34
C TYR A 52 8.05 -4.52 -11.57
N CYS A 53 9.19 -5.19 -11.37
CA CYS A 53 9.84 -5.89 -12.47
C CYS A 53 10.33 -7.26 -11.97
N PHE A 54 10.37 -8.26 -12.86
CA PHE A 54 10.51 -9.63 -12.38
C PHE A 54 11.61 -10.46 -13.04
N ASN A 55 12.37 -9.90 -13.99
CA ASN A 55 13.59 -10.56 -14.47
C ASN A 55 14.55 -9.48 -14.95
N ARG A 56 15.77 -9.91 -15.33
CA ARG A 56 16.82 -8.99 -15.71
C ARG A 56 16.39 -8.09 -16.88
N GLU A 57 15.84 -8.69 -17.94
CA GLU A 57 15.47 -7.93 -19.12
C GLU A 57 14.34 -6.94 -18.84
N ASN A 58 13.34 -7.37 -18.05
CA ASN A 58 12.22 -6.48 -17.75
C ASN A 58 12.67 -5.35 -16.83
N CYS A 59 13.59 -5.63 -15.90
CA CYS A 59 14.12 -4.60 -15.02
C CYS A 59 15.05 -3.64 -15.75
N ASP A 60 15.83 -4.14 -16.72
CA ASP A 60 16.65 -3.26 -17.55
C ASP A 60 15.80 -2.23 -18.29
N SER A 61 14.63 -2.64 -18.79
N SER A 61 14.64 -2.64 -18.80
CA SER A 61 13.73 -1.69 -19.45
CA SER A 61 13.73 -1.69 -19.45
C SER A 61 13.22 -0.64 -18.48
C SER A 61 13.24 -0.63 -18.46
N ARG A 62 12.82 -1.06 -17.28
CA ARG A 62 12.38 -0.13 -16.25
C ARG A 62 13.47 0.88 -15.88
N TYR A 63 14.75 0.46 -15.94
CA TYR A 63 15.83 1.37 -15.55
C TYR A 63 16.05 2.47 -16.57
N ASP A 64 15.69 2.26 -17.84
CA ASP A 64 15.82 3.32 -18.83
C ASP A 64 14.75 4.39 -18.73
N THR A 65 13.51 4.02 -18.40
CA THR A 65 12.44 4.99 -18.50
C THR A 65 11.62 5.17 -17.24
N MET A 66 11.99 4.51 -16.12
CA MET A 66 11.33 4.68 -14.83
C MET A 66 12.39 4.68 -13.72
N ARG A 67 13.49 5.41 -13.94
CA ARG A 67 14.68 5.24 -13.11
C ARG A 67 14.50 5.76 -11.69
N ARG A 68 13.66 6.77 -11.50
CA ARG A 68 13.40 7.24 -10.14
C ARG A 68 12.77 6.15 -9.27
N LEU A 69 12.17 5.13 -9.90
CA LEU A 69 11.62 3.99 -9.17
C LEU A 69 12.64 2.86 -8.99
N MET A 70 13.93 3.11 -9.35
CA MET A 70 15.00 2.16 -9.12
C MET A 70 16.28 2.79 -8.57
N SER A 71 16.29 4.08 -8.23
CA SER A 71 17.51 4.80 -7.89
C SER A 71 17.14 6.09 -7.15
N SER A 72 17.99 6.51 -6.20
CA SER A 72 17.84 7.77 -5.51
C SER A 72 18.71 8.89 -6.08
N ARG A 73 19.47 8.63 -7.14
CA ARG A 73 20.46 9.61 -7.57
C ARG A 73 19.82 10.91 -8.08
N ASP A 74 18.57 10.86 -8.57
CA ASP A 74 17.93 12.05 -9.12
C ASP A 74 16.75 12.54 -8.27
N TRP A 75 16.63 12.10 -7.02
CA TRP A 75 15.50 12.51 -6.20
C TRP A 75 15.60 13.98 -5.81
N PRO A 76 14.48 14.68 -5.69
CA PRO A 76 14.50 16.07 -5.20
C PRO A 76 14.63 16.13 -3.68
N ARG A 77 15.13 17.28 -3.18
CA ARG A 77 15.29 17.37 -1.73
C ARG A 77 13.98 17.56 -0.99
N THR A 78 12.89 17.91 -1.68
CA THR A 78 11.60 18.09 -1.02
C THR A 78 10.49 17.47 -1.86
N ARG A 79 9.38 17.17 -1.18
CA ARG A 79 8.10 16.85 -1.80
C ARG A 79 6.96 17.54 -1.07
N THR A 80 5.92 17.88 -1.82
CA THR A 80 4.71 18.45 -1.22
C THR A 80 3.80 17.33 -0.72
N GLY A 81 3.38 17.43 0.54
CA GLY A 81 2.43 16.46 1.06
C GLY A 81 1.03 16.79 0.56
N THR A 82 0.34 15.77 0.03
CA THR A 82 -0.99 15.93 -0.54
C THR A 82 -1.93 14.86 0.01
N GLY A 83 -3.22 15.19 0.02
CA GLY A 83 -4.22 14.24 0.51
C GLY A 83 -4.02 13.98 2.00
N ILE A 84 -3.91 12.69 2.36
CA ILE A 84 -3.69 12.31 3.76
C ILE A 84 -2.31 12.71 4.26
N LEU A 85 -1.41 13.12 3.36
CA LEU A 85 -0.11 13.65 3.75
C LEU A 85 -0.09 15.17 3.82
N SER A 86 -1.22 15.84 3.58
CA SER A 86 -1.29 17.29 3.69
C SER A 86 -1.51 17.69 5.15
N SER A 87 -0.95 18.85 5.51
CA SER A 87 -1.02 19.38 6.86
C SER A 87 -2.11 20.44 7.02
N GLN A 88 -2.92 20.66 5.98
CA GLN A 88 -4.02 21.63 6.02
C GLN A 88 -5.33 20.95 6.40
N PRO A 89 -6.04 21.45 7.42
CA PRO A 89 -7.32 20.83 7.81
C PRO A 89 -8.32 20.71 6.68
N GLU A 90 -8.33 21.67 5.75
CA GLU A 90 -9.30 21.64 4.66
C GLU A 90 -9.02 20.49 3.70
N GLU A 91 -7.74 20.25 3.41
CA GLU A 91 -7.38 19.15 2.51
C GLU A 91 -7.38 17.80 3.23
N ASN A 92 -7.06 17.77 4.53
CA ASN A 92 -6.91 16.51 5.27
C ASN A 92 -7.70 16.60 6.59
N PRO A 93 -9.01 16.38 6.53
CA PRO A 93 -9.81 16.41 7.78
C PRO A 93 -9.43 15.33 8.79
N TYR A 94 -8.80 14.25 8.32
CA TYR A 94 -8.50 13.08 9.15
C TYR A 94 -7.30 13.30 10.07
N TRP A 95 -6.08 13.32 9.53
CA TRP A 95 -4.89 13.52 10.34
C TRP A 95 -3.98 14.72 9.97
N TRP A 96 -4.54 15.91 9.78
CA TRP A 96 -3.74 17.06 9.34
C TRP A 96 -2.58 17.40 10.28
N ASN A 97 -2.64 17.04 11.57
CA ASN A 97 -1.62 17.44 12.53
C ASN A 97 -0.58 16.34 12.79
N ALA A 98 -0.58 15.26 12.01
CA ALA A 98 0.32 14.15 12.28
C ALA A 98 1.75 14.44 11.78
N ASN A 99 2.69 13.65 12.29
CA ASN A 99 4.00 13.53 11.66
C ASN A 99 3.85 12.75 10.35
N MET A 100 4.38 13.31 9.25
CA MET A 100 4.19 12.80 7.90
C MET A 100 5.49 12.23 7.33
N VAL A 101 5.42 11.00 6.78
CA VAL A 101 6.56 10.34 6.16
C VAL A 101 6.12 9.75 4.82
N PHE A 102 6.85 10.11 3.75
CA PHE A 102 6.68 9.53 2.42
C PHE A 102 7.93 8.69 2.12
N ILE A 103 7.74 7.39 1.89
CA ILE A 103 8.84 6.47 1.61
C ILE A 103 8.81 6.15 0.12
N PRO A 104 9.76 6.64 -0.67
CA PRO A 104 9.76 6.33 -2.11
C PRO A 104 9.97 4.85 -2.39
N TYR A 105 9.32 4.38 -3.46
CA TYR A 105 9.38 3.01 -3.95
C TYR A 105 10.53 2.90 -4.94
N CYS A 106 11.67 2.35 -4.50
CA CYS A 106 12.80 2.22 -5.42
C CYS A 106 13.34 0.79 -5.44
N SER A 107 12.49 -0.19 -5.12
CA SER A 107 12.92 -1.58 -5.04
C SER A 107 12.19 -2.52 -5.99
N SER A 108 11.12 -2.07 -6.65
CA SER A 108 10.49 -2.78 -7.77
C SER A 108 10.04 -4.20 -7.40
N ASP A 109 9.73 -4.42 -6.12
CA ASP A 109 9.49 -5.76 -5.57
C ASP A 109 8.23 -5.84 -4.72
N VAL A 110 7.31 -4.88 -4.88
CA VAL A 110 6.05 -4.79 -4.15
C VAL A 110 6.38 -4.77 -2.65
N TRP A 111 7.55 -4.21 -2.31
CA TRP A 111 8.00 -4.03 -0.93
C TRP A 111 8.25 -5.35 -0.21
N SER A 112 8.64 -6.40 -0.95
CA SER A 112 8.79 -7.74 -0.36
C SER A 112 10.23 -8.22 -0.28
N GLY A 113 11.18 -7.57 -0.95
CA GLY A 113 12.48 -8.18 -1.17
C GLY A 113 13.42 -8.07 0.01
N ALA A 114 14.38 -8.99 0.04
CA ALA A 114 15.45 -8.98 1.02
C ALA A 114 16.73 -9.57 0.41
N SER A 115 17.16 -9.01 -0.72
N SER A 115 17.15 -9.03 -0.73
CA SER A 115 18.32 -9.49 -1.46
CA SER A 115 18.36 -9.52 -1.38
C SER A 115 19.21 -8.30 -1.84
C SER A 115 19.21 -8.34 -1.84
N SER A 116 20.51 -8.41 -1.56
CA SER A 116 21.47 -7.36 -1.89
C SER A 116 22.05 -7.56 -3.28
N LYS A 117 22.51 -6.46 -3.87
CA LYS A 117 23.33 -6.54 -5.07
C LYS A 117 24.65 -7.23 -4.74
N SER A 118 25.14 -8.08 -5.66
CA SER A 118 26.33 -8.91 -5.42
C SER A 118 26.88 -9.33 -6.78
N GLU A 119 27.91 -10.20 -6.81
CA GLU A 119 28.44 -10.52 -8.13
C GLU A 119 27.45 -11.36 -8.93
N LYS A 120 26.47 -12.00 -8.28
CA LYS A 120 25.47 -12.78 -8.98
C LYS A 120 24.12 -12.09 -9.08
N ASN A 121 23.98 -10.87 -8.57
CA ASN A 121 22.74 -10.11 -8.66
C ASN A 121 23.02 -8.72 -9.25
N GLU A 122 22.51 -8.46 -10.46
CA GLU A 122 22.66 -7.14 -11.06
C GLU A 122 21.96 -6.05 -10.25
N TYR A 123 20.82 -6.39 -9.61
CA TYR A 123 20.05 -5.42 -8.85
C TYR A 123 19.81 -5.91 -7.42
N ALA A 124 19.62 -4.96 -6.51
CA ALA A 124 19.20 -5.24 -5.14
C ALA A 124 17.69 -5.09 -5.03
N PHE A 125 17.07 -6.01 -4.29
CA PHE A 125 15.63 -5.96 -4.04
C PHE A 125 15.43 -5.98 -2.52
N MET A 126 15.25 -4.80 -1.93
CA MET A 126 15.39 -4.63 -0.48
C MET A 126 14.15 -3.99 0.16
N GLY A 127 12.98 -4.07 -0.49
CA GLY A 127 11.80 -3.35 -0.01
C GLY A 127 11.44 -3.65 1.44
N ALA A 128 11.44 -4.92 1.83
CA ALA A 128 11.08 -5.28 3.19
C ALA A 128 12.08 -4.72 4.20
N LEU A 129 13.38 -4.72 3.84
CA LEU A 129 14.41 -4.18 4.71
C LEU A 129 14.41 -2.66 4.73
N ILE A 130 14.03 -2.01 3.62
CA ILE A 130 13.93 -0.55 3.62
C ILE A 130 12.92 -0.09 4.66
N ILE A 131 11.76 -0.76 4.73
CA ILE A 131 10.74 -0.35 5.70
C ILE A 131 11.26 -0.45 7.12
N GLN A 132 11.96 -1.54 7.43
CA GLN A 132 12.46 -1.74 8.79
C GLN A 132 13.54 -0.71 9.14
N GLU A 133 14.39 -0.35 8.19
CA GLU A 133 15.45 0.61 8.48
C GLU A 133 14.89 2.02 8.63
N VAL A 134 13.87 2.37 7.82
CA VAL A 134 13.20 3.65 8.01
C VAL A 134 12.64 3.73 9.43
N VAL A 135 11.95 2.67 9.88
CA VAL A 135 11.38 2.65 11.22
C VAL A 135 12.47 2.79 12.26
N ARG A 136 13.57 2.07 12.09
CA ARG A 136 14.69 2.11 13.05
C ARG A 136 15.23 3.53 13.19
N GLU A 137 15.48 4.21 12.07
CA GLU A 137 16.09 5.55 12.13
C GLU A 137 15.11 6.62 12.61
N LEU A 138 13.80 6.44 12.36
CA LEU A 138 12.81 7.39 12.85
C LEU A 138 12.68 7.37 14.38
N LEU A 139 13.01 6.25 15.02
CA LEU A 139 12.86 6.19 16.48
C LEU A 139 13.78 7.20 17.17
N GLY A 140 14.87 7.58 16.52
CA GLY A 140 15.74 8.64 17.04
C GLY A 140 15.28 10.06 16.74
N ARG A 141 14.25 10.23 15.90
CA ARG A 141 13.75 11.55 15.52
C ARG A 141 12.36 11.81 16.08
N GLY A 142 11.91 11.02 17.06
CA GLY A 142 10.60 11.27 17.63
C GLY A 142 9.63 10.10 17.66
N LEU A 143 9.82 9.11 16.78
CA LEU A 143 8.89 7.98 16.74
C LEU A 143 8.84 7.23 18.08
N SER A 144 9.89 7.32 18.89
CA SER A 144 9.92 6.61 20.17
C SER A 144 8.79 7.03 21.10
N GLY A 145 8.29 8.26 20.96
CA GLY A 145 7.19 8.75 21.77
C GLY A 145 5.81 8.60 21.16
N ALA A 146 5.68 7.92 20.02
CA ALA A 146 4.41 7.82 19.33
C ALA A 146 3.40 7.01 20.13
N LYS A 147 2.11 7.30 19.91
CA LYS A 147 1.02 6.45 20.36
C LYS A 147 0.43 5.58 19.25
N VAL A 148 0.45 6.04 17.99
CA VAL A 148 -0.06 5.28 16.85
C VAL A 148 0.91 5.43 15.68
N LEU A 149 1.26 4.31 15.04
CA LEU A 149 1.99 4.30 13.78
C LEU A 149 1.06 3.72 12.71
N LEU A 150 0.63 4.56 11.78
CA LEU A 150 -0.23 4.11 10.68
C LEU A 150 0.63 3.90 9.44
N LEU A 151 0.80 2.63 9.04
CA LEU A 151 1.51 2.26 7.82
C LEU A 151 0.49 2.22 6.68
N ALA A 152 0.62 3.15 5.73
CA ALA A 152 -0.33 3.33 4.64
C ALA A 152 0.39 3.17 3.31
N GLY A 153 -0.38 2.98 2.24
CA GLY A 153 0.24 2.87 0.92
C GLY A 153 -0.80 2.73 -0.17
N SER A 154 -0.38 3.04 -1.40
CA SER A 154 -1.28 2.98 -2.56
C SER A 154 -0.73 2.05 -3.64
N SER A 155 -1.62 1.25 -4.21
CA SER A 155 -1.34 0.33 -5.33
C SER A 155 -0.30 -0.69 -4.88
N ALA A 156 0.88 -0.80 -5.51
CA ALA A 156 1.91 -1.71 -5.01
C ALA A 156 2.26 -1.41 -3.54
N GLY A 157 2.18 -0.15 -3.14
CA GLY A 157 2.39 0.20 -1.75
C GLY A 157 1.25 -0.25 -0.85
N GLY A 158 0.02 -0.31 -1.40
CA GLY A 158 -1.09 -0.89 -0.65
C GLY A 158 -0.89 -2.37 -0.38
N THR A 159 -0.46 -3.13 -1.40
CA THR A 159 -0.12 -4.53 -1.15
C THR A 159 1.03 -4.61 -0.15
N GLY A 160 1.97 -3.66 -0.22
CA GLY A 160 3.11 -3.67 0.69
C GLY A 160 2.71 -3.48 2.14
N VAL A 161 1.63 -2.73 2.39
CA VAL A 161 1.10 -2.64 3.75
C VAL A 161 0.70 -4.01 4.26
N LEU A 162 -0.02 -4.76 3.42
CA LEU A 162 -0.50 -6.09 3.81
C LEU A 162 0.66 -7.04 4.10
N LEU A 163 1.75 -6.92 3.33
CA LEU A 163 2.90 -7.80 3.52
C LEU A 163 3.79 -7.41 4.70
N ASN A 164 3.74 -6.15 5.16
CA ASN A 164 4.71 -5.69 6.16
C ASN A 164 4.15 -5.19 7.48
N VAL A 165 2.83 -5.00 7.62
CA VAL A 165 2.34 -4.32 8.83
C VAL A 165 2.61 -5.13 10.10
N ASP A 166 2.48 -6.47 10.03
CA ASP A 166 2.74 -7.30 11.21
C ASP A 166 4.23 -7.41 11.53
N ARG A 167 5.10 -7.27 10.52
CA ARG A 167 6.53 -7.28 10.79
C ARG A 167 6.97 -6.00 11.49
N VAL A 168 6.37 -4.87 11.10
CA VAL A 168 6.64 -3.60 11.79
C VAL A 168 6.19 -3.69 13.24
N ALA A 169 5.02 -4.30 13.46
CA ALA A 169 4.54 -4.50 14.83
C ALA A 169 5.53 -5.34 15.62
N GLU A 170 6.06 -6.40 15.00
CA GLU A 170 6.94 -7.31 15.71
C GLU A 170 8.27 -6.61 16.02
N GLN A 171 8.75 -5.83 15.05
CA GLN A 171 10.00 -5.10 15.19
C GLN A 171 9.92 -4.13 16.36
N LEU A 172 8.82 -3.39 16.50
CA LEU A 172 8.76 -2.46 17.62
C LEU A 172 8.62 -3.19 18.95
N GLU A 173 7.90 -4.32 18.97
CA GLU A 173 7.83 -5.11 20.20
C GLU A 173 9.21 -5.57 20.64
N LYS A 174 9.98 -6.14 19.72
CA LYS A 174 11.28 -6.70 20.10
C LYS A 174 12.29 -5.61 20.46
N LEU A 175 12.15 -4.41 19.90
CA LEU A 175 13.04 -3.32 20.23
C LEU A 175 12.71 -2.66 21.58
N GLY A 176 11.58 -3.02 22.18
CA GLY A 176 11.22 -2.51 23.49
C GLY A 176 10.19 -1.39 23.49
N TYR A 177 9.30 -1.35 22.49
CA TYR A 177 8.32 -0.28 22.34
C TYR A 177 6.92 -0.89 22.31
N PRO A 178 6.44 -1.42 23.44
CA PRO A 178 5.13 -2.10 23.43
C PRO A 178 3.96 -1.15 23.35
N ALA A 179 4.16 0.14 23.62
CA ALA A 179 3.04 1.07 23.70
C ALA A 179 2.61 1.62 22.34
N ILE A 180 3.46 1.51 21.32
CA ILE A 180 3.11 2.04 20.00
C ILE A 180 2.14 1.08 19.32
N GLN A 181 0.93 1.56 19.04
CA GLN A 181 -0.05 0.75 18.31
C GLN A 181 0.19 0.87 16.81
N VAL A 182 0.48 -0.26 16.15
CA VAL A 182 0.74 -0.31 14.72
C VAL A 182 -0.54 -0.71 14.00
N ARG A 183 -0.91 0.04 12.95
CA ARG A 183 -2.11 -0.21 12.17
C ARG A 183 -1.77 -0.05 10.69
N GLY A 184 -2.65 -0.57 9.83
CA GLY A 184 -2.42 -0.52 8.39
C GLY A 184 -3.56 0.14 7.63
N LEU A 185 -3.20 0.83 6.53
CA LEU A 185 -4.17 1.40 5.60
C LEU A 185 -3.76 1.04 4.18
N ALA A 186 -4.48 0.12 3.54
CA ALA A 186 -4.12 -0.42 2.22
C ALA A 186 -5.05 0.13 1.15
N ASP A 187 -4.53 1.00 0.27
CA ASP A 187 -5.30 1.67 -0.78
C ASP A 187 -4.96 1.08 -2.15
N SER A 188 -5.98 0.53 -2.83
CA SER A 188 -5.85 0.06 -4.22
C SER A 188 -4.81 -1.04 -4.38
N GLY A 189 -4.67 -1.89 -3.37
CA GLY A 189 -3.74 -3.02 -3.42
C GLY A 189 -4.41 -4.36 -3.16
N TRP A 190 -5.73 -4.43 -3.36
CA TRP A 190 -6.54 -5.62 -3.08
C TRP A 190 -7.07 -6.26 -4.37
N LEU A 192 -7.58 -9.41 -7.37
CA LEU A 192 -8.14 -10.75 -7.58
C LEU A 192 -7.37 -11.52 -8.64
N ASP A 193 -7.07 -12.79 -8.35
CA ASP A 193 -6.42 -13.66 -9.33
C ASP A 193 -7.47 -14.40 -10.17
N ASN A 194 -8.27 -13.60 -10.88
CA ASN A 194 -9.44 -14.06 -11.60
C ASN A 194 -9.08 -14.44 -13.04
N LYS A 195 -10.06 -14.99 -13.78
CA LYS A 195 -9.88 -15.26 -15.20
C LYS A 195 -9.95 -13.96 -15.99
N GLN A 196 -9.08 -13.84 -17.00
CA GLN A 196 -9.05 -12.64 -17.82
C GLN A 196 -10.25 -12.61 -18.77
N TYR A 197 -10.63 -11.39 -19.19
CA TYR A 197 -11.69 -11.26 -20.18
C TYR A 197 -11.23 -11.78 -21.53
N ARG A 198 -9.99 -11.46 -21.92
CA ARG A 198 -9.32 -11.99 -23.09
C ARG A 198 -7.89 -12.37 -22.71
N HIS A 199 -7.35 -13.37 -23.39
CA HIS A 199 -6.05 -13.91 -23.03
C HIS A 199 -4.92 -13.23 -23.79
N ALA A 209 0.08 -16.01 -17.94
CA ALA A 209 -0.74 -15.63 -16.80
C ALA A 209 -0.06 -14.52 -15.99
N PRO A 210 -0.84 -13.50 -15.58
CA PRO A 210 -0.26 -12.43 -14.77
C PRO A 210 0.24 -12.90 -13.40
N THR A 211 -0.37 -13.92 -12.81
CA THR A 211 0.15 -14.45 -11.55
C THR A 211 1.54 -15.04 -11.70
N GLU A 212 1.87 -15.53 -12.90
CA GLU A 212 3.19 -16.13 -13.11
C GLU A 212 4.31 -15.11 -12.89
N ALA A 213 4.07 -13.85 -13.24
CA ALA A 213 5.07 -12.80 -13.01
C ALA A 213 5.39 -12.66 -11.53
N ILE A 214 4.36 -12.75 -10.68
CA ILE A 214 4.56 -12.66 -9.24
C ILE A 214 5.35 -13.87 -8.73
N ARG A 215 4.91 -15.10 -9.09
CA ARG A 215 5.67 -16.31 -8.75
C ARG A 215 7.15 -16.15 -9.14
N ARG A 216 7.40 -15.81 -10.41
CA ARG A 216 8.79 -15.67 -10.86
C ARG A 216 9.49 -14.54 -10.11
N GLY A 217 8.75 -13.48 -9.78
CA GLY A 217 9.36 -12.34 -9.13
C GLY A 217 9.83 -12.66 -7.72
N ILE A 218 8.99 -13.35 -6.93
CA ILE A 218 9.39 -13.63 -5.55
C ILE A 218 10.70 -14.40 -5.55
N ARG A 219 10.93 -15.17 -6.59
CA ARG A 219 12.06 -16.05 -6.53
C ARG A 219 13.30 -15.23 -6.92
N TYR A 220 13.08 -14.25 -7.84
CA TYR A 220 14.10 -13.28 -8.26
C TYR A 220 14.47 -12.29 -7.17
N TRP A 221 13.52 -11.90 -6.30
CA TRP A 221 13.72 -10.87 -5.28
C TRP A 221 14.18 -11.43 -3.94
N ASN A 222 14.15 -12.74 -3.75
CA ASN A 222 14.18 -13.35 -2.41
C ASN A 222 13.07 -12.72 -1.56
N GLY A 223 11.88 -12.64 -2.13
CA GLY A 223 10.79 -11.95 -1.47
C GLY A 223 10.29 -12.71 -0.25
N VAL A 224 9.80 -11.95 0.73
CA VAL A 224 9.33 -12.49 2.00
C VAL A 224 7.87 -12.11 2.21
N VAL A 225 7.10 -13.02 2.81
CA VAL A 225 5.67 -12.81 3.06
C VAL A 225 5.42 -13.03 4.54
N PRO A 226 4.28 -12.60 5.07
CA PRO A 226 4.03 -12.77 6.50
C PRO A 226 4.02 -14.24 6.91
N GLU A 227 4.54 -14.50 8.12
CA GLU A 227 4.84 -15.86 8.55
C GLU A 227 3.59 -16.75 8.59
N ARG A 228 2.50 -16.24 9.15
CA ARG A 228 1.31 -17.11 9.25
C ARG A 228 0.80 -17.48 7.86
N CYS A 229 0.81 -16.51 6.94
CA CYS A 229 0.42 -16.83 5.57
C CYS A 229 1.40 -17.80 4.91
N ARG A 230 2.71 -17.60 5.12
CA ARG A 230 3.70 -18.52 4.59
C ARG A 230 3.41 -19.95 5.04
N ARG A 231 3.08 -20.13 6.32
CA ARG A 231 2.88 -21.46 6.88
C ARG A 231 1.62 -22.12 6.34
N GLN A 232 0.59 -21.34 5.98
CA GLN A 232 -0.61 -21.90 5.38
C GLN A 232 -0.35 -22.45 3.98
N PHE A 233 0.32 -21.67 3.14
CA PHE A 233 0.45 -22.03 1.73
C PHE A 233 1.70 -22.86 1.43
N GLN A 234 2.75 -22.68 2.25
CA GLN A 234 3.98 -23.48 2.23
C GLN A 234 4.84 -23.27 0.99
N GLU A 235 5.98 -23.96 0.94
CA GLU A 235 7.02 -23.61 -0.02
C GLU A 235 6.53 -23.76 -1.45
N GLY A 236 6.95 -22.82 -2.30
CA GLY A 236 6.52 -22.77 -3.68
C GLY A 236 5.22 -22.05 -3.92
N GLU A 237 4.43 -21.79 -2.87
CA GLU A 237 3.11 -21.19 -3.04
C GLU A 237 2.97 -19.84 -2.34
N GLU A 238 4.08 -19.21 -1.97
CA GLU A 238 4.01 -17.93 -1.26
C GLU A 238 3.39 -16.82 -2.11
N TRP A 239 3.35 -16.96 -3.44
CA TRP A 239 2.72 -15.94 -4.29
C TRP A 239 1.27 -15.68 -3.87
N ASN A 240 0.61 -16.67 -3.25
CA ASN A 240 -0.78 -16.50 -2.82
C ASN A 240 -0.91 -15.34 -1.83
N CYS A 241 0.11 -15.10 -1.01
CA CYS A 241 0.07 -14.07 0.03
C CYS A 241 0.17 -12.66 -0.51
N PHE A 242 0.38 -12.48 -1.81
CA PHE A 242 0.29 -11.19 -2.47
C PHE A 242 -1.15 -10.78 -2.76
N PHE A 243 -2.12 -11.66 -2.51
CA PHE A 243 -3.51 -11.38 -2.83
C PHE A 243 -4.29 -11.12 -1.55
N GLY A 244 -4.81 -9.90 -1.44
CA GLY A 244 -5.49 -9.41 -0.24
C GLY A 244 -6.45 -10.38 0.41
N TYR A 245 -7.38 -10.96 -0.34
CA TYR A 245 -8.37 -11.82 0.29
C TYR A 245 -7.78 -13.11 0.87
N LYS A 246 -6.52 -13.44 0.54
CA LYS A 246 -5.85 -14.60 1.10
C LYS A 246 -4.89 -14.25 2.24
N VAL A 247 -4.23 -13.10 2.21
CA VAL A 247 -3.31 -12.74 3.29
C VAL A 247 -3.99 -11.98 4.43
N TYR A 248 -5.01 -11.17 4.14
CA TYR A 248 -5.70 -10.41 5.19
C TYR A 248 -6.18 -11.26 6.36
N PRO A 249 -6.79 -12.43 6.17
CA PRO A 249 -7.25 -13.22 7.34
C PRO A 249 -6.14 -13.70 8.26
N THR A 250 -4.87 -13.64 7.86
CA THR A 250 -3.77 -14.10 8.70
C THR A 250 -3.16 -12.99 9.55
N LEU A 251 -3.59 -11.74 9.38
CA LEU A 251 -2.95 -10.59 10.01
C LEU A 251 -3.58 -10.29 11.38
N ARG A 252 -2.72 -9.96 12.36
CA ARG A 252 -3.18 -9.44 13.66
C ARG A 252 -3.37 -7.95 13.76
N SER A 253 -2.57 -7.15 13.05
CA SER A 253 -2.72 -5.71 13.18
C SER A 253 -4.03 -5.26 12.56
N PRO A 254 -4.68 -4.23 13.11
CA PRO A 254 -5.89 -3.68 12.45
C PRO A 254 -5.53 -3.06 11.10
N VAL A 255 -6.27 -3.42 10.06
CA VAL A 255 -6.01 -2.95 8.70
C VAL A 255 -7.31 -2.44 8.08
N PHE A 256 -7.31 -1.18 7.63
CA PHE A 256 -8.41 -0.59 6.89
C PHE A 256 -8.13 -0.75 5.39
N VAL A 257 -9.14 -1.20 4.63
CA VAL A 257 -8.96 -1.56 3.22
C VAL A 257 -9.80 -0.61 2.37
N VAL A 258 -9.14 0.14 1.50
CA VAL A 258 -9.76 1.02 0.51
C VAL A 258 -9.60 0.36 -0.86
N GLN A 259 -10.70 0.09 -1.56
CA GLN A 259 -10.59 -0.55 -2.87
C GLN A 259 -11.77 -0.16 -3.76
N TRP A 260 -11.49 0.47 -4.91
CA TRP A 260 -12.52 0.67 -5.91
C TRP A 260 -13.00 -0.70 -6.41
N LEU A 261 -14.33 -0.85 -6.58
CA LEU A 261 -14.85 -2.12 -7.02
C LEU A 261 -14.43 -2.44 -8.46
N PHE A 262 -14.18 -1.41 -9.27
CA PHE A 262 -13.78 -1.59 -10.66
C PHE A 262 -12.41 -0.92 -10.85
N ASP A 263 -11.40 -1.47 -10.19
CA ASP A 263 -10.08 -0.89 -10.19
C ASP A 263 -9.46 -0.94 -11.58
N GLU A 264 -8.85 0.18 -12.01
CA GLU A 264 -8.35 0.27 -13.39
C GLU A 264 -7.14 -0.62 -13.62
N ALA A 265 -6.30 -0.82 -12.59
CA ALA A 265 -5.17 -1.72 -12.75
C ALA A 265 -5.63 -3.17 -12.84
N GLN A 266 -6.64 -3.54 -12.04
CA GLN A 266 -7.25 -4.86 -12.16
C GLN A 266 -7.84 -5.09 -13.56
N LEU A 267 -8.58 -4.11 -14.08
CA LEU A 267 -9.15 -4.28 -15.41
C LEU A 267 -8.07 -4.34 -16.49
N THR A 268 -6.99 -3.58 -16.33
CA THR A 268 -5.88 -3.63 -17.29
C THR A 268 -5.28 -5.04 -17.38
N VAL A 269 -4.99 -5.64 -16.23
CA VAL A 269 -4.43 -7.00 -16.27
C VAL A 269 -5.47 -8.00 -16.76
N ASP A 270 -6.77 -7.70 -16.60
CA ASP A 270 -7.81 -8.57 -17.14
C ASP A 270 -8.06 -8.36 -18.63
N ASN A 271 -7.37 -7.40 -19.25
CA ASN A 271 -7.47 -7.10 -20.68
C ASN A 271 -8.85 -6.55 -21.05
N VAL A 272 -9.37 -5.68 -20.20
CA VAL A 272 -10.61 -4.93 -20.44
C VAL A 272 -10.23 -3.48 -20.72
N HIS A 273 -10.75 -2.94 -21.82
CA HIS A 273 -10.56 -1.52 -22.13
C HIS A 273 -11.89 -0.85 -22.49
N VAL A 279 -21.12 -1.49 -24.87
CA VAL A 279 -20.71 -2.71 -24.17
C VAL A 279 -21.74 -3.80 -24.40
N GLN A 280 -21.30 -4.93 -24.92
CA GLN A 280 -22.21 -6.02 -25.22
C GLN A 280 -22.26 -7.01 -24.07
N GLU A 281 -23.14 -8.01 -24.21
CA GLU A 281 -23.58 -8.80 -23.05
C GLU A 281 -22.43 -9.54 -22.38
N GLY A 282 -21.49 -10.08 -23.16
CA GLY A 282 -20.38 -10.81 -22.56
C GLY A 282 -19.54 -9.95 -21.63
N LEU A 283 -19.22 -8.74 -22.06
CA LEU A 283 -18.41 -7.85 -21.23
C LEU A 283 -19.22 -7.30 -20.07
N ARG A 284 -20.50 -6.99 -20.30
CA ARG A 284 -21.38 -6.54 -19.22
C ARG A 284 -21.40 -7.56 -18.09
N LEU A 285 -21.63 -8.83 -18.41
CA LEU A 285 -21.59 -9.88 -17.38
C LEU A 285 -20.22 -9.99 -16.73
N TYR A 286 -19.14 -9.85 -17.52
CA TYR A 286 -17.79 -9.91 -16.95
C TYR A 286 -17.59 -8.81 -15.90
N ILE A 287 -17.95 -7.58 -16.25
CA ILE A 287 -17.73 -6.45 -15.36
C ILE A 287 -18.61 -6.57 -14.11
N GLN A 288 -19.87 -6.97 -14.29
CA GLN A 288 -20.75 -7.12 -13.12
C GLN A 288 -20.26 -8.21 -12.19
N ASN A 289 -19.79 -9.33 -12.74
CA ASN A 289 -19.25 -10.39 -11.90
C ASN A 289 -17.98 -9.93 -11.16
N LEU A 290 -17.16 -9.09 -11.79
CA LEU A 290 -15.95 -8.61 -11.12
C LEU A 290 -16.32 -7.80 -9.88
N GLY A 291 -17.28 -6.89 -10.01
CA GLY A 291 -17.75 -6.15 -8.85
C GLY A 291 -18.36 -7.03 -7.78
N ARG A 292 -19.19 -8.01 -8.19
CA ARG A 292 -19.76 -8.97 -7.25
C ARG A 292 -18.68 -9.68 -6.44
N GLU A 293 -17.66 -10.17 -7.14
CA GLU A 293 -16.62 -10.96 -6.49
C GLU A 293 -15.82 -10.11 -5.50
N LEU A 294 -15.48 -8.87 -5.90
N LEU A 294 -15.48 -8.88 -5.89
CA LEU A 294 -14.73 -7.99 -5.02
CA LEU A 294 -14.72 -8.04 -4.97
C LEU A 294 -15.55 -7.64 -3.78
C LEU A 294 -15.56 -7.68 -3.75
N ARG A 295 -16.85 -7.39 -3.95
CA ARG A 295 -17.72 -7.10 -2.81
C ARG A 295 -17.80 -8.31 -1.87
N HIS A 296 -17.81 -9.52 -2.44
CA HIS A 296 -17.88 -10.72 -1.62
C HIS A 296 -16.63 -10.89 -0.76
N THR A 297 -15.45 -10.58 -1.30
CA THR A 297 -14.22 -10.73 -0.52
C THR A 297 -14.13 -9.74 0.62
N LEU A 298 -14.87 -8.62 0.56
CA LEU A 298 -14.85 -7.63 1.62
C LEU A 298 -15.95 -7.81 2.65
N LYS A 299 -16.84 -8.81 2.49
CA LYS A 299 -17.95 -8.98 3.42
C LYS A 299 -17.51 -9.07 4.88
N ASP A 300 -16.42 -9.76 5.16
CA ASP A 300 -16.00 -9.95 6.55
C ASP A 300 -14.74 -9.15 6.87
N VAL A 301 -14.59 -8.00 6.22
CA VAL A 301 -13.55 -7.03 6.54
C VAL A 301 -14.24 -5.86 7.23
N PRO A 302 -14.12 -5.73 8.56
CA PRO A 302 -14.94 -4.73 9.26
C PRO A 302 -14.58 -3.28 8.96
N ALA A 303 -13.33 -2.97 8.62
CA ALA A 303 -12.94 -1.59 8.31
C ALA A 303 -12.59 -1.51 6.82
N SER A 304 -13.51 -0.97 6.01
CA SER A 304 -13.28 -0.96 4.57
C SER A 304 -14.15 0.09 3.88
N PHE A 305 -13.69 0.53 2.70
CA PHE A 305 -14.32 1.63 1.94
C PHE A 305 -14.20 1.27 0.46
N ALA A 306 -15.31 0.93 -0.20
CA ALA A 306 -15.25 0.33 -1.53
C ALA A 306 -16.32 0.86 -2.46
N PRO A 307 -16.06 1.99 -3.13
CA PRO A 307 -17.07 2.60 -4.01
C PRO A 307 -17.14 1.95 -5.38
N ALA A 308 -18.35 2.01 -5.96
CA ALA A 308 -18.60 1.48 -7.31
C ALA A 308 -18.16 2.48 -8.38
N CYS A 309 -16.83 2.59 -8.54
CA CYS A 309 -16.21 3.53 -9.48
C CYS A 309 -15.10 2.86 -10.27
N LEU A 310 -14.90 3.35 -11.48
CA LEU A 310 -13.73 3.02 -12.29
C LEU A 310 -12.64 4.05 -12.02
N SER A 311 -11.60 3.66 -11.28
CA SER A 311 -10.55 4.58 -10.84
C SER A 311 -9.38 3.75 -10.30
N HIS A 312 -8.34 4.43 -9.81
CA HIS A 312 -7.18 3.76 -9.23
C HIS A 312 -6.45 4.73 -8.30
N GLU A 313 -6.20 4.29 -7.06
CA GLU A 313 -5.60 5.07 -5.97
C GLU A 313 -6.53 6.19 -5.47
N ILE A 314 -6.34 6.65 -4.23
CA ILE A 314 -7.08 7.82 -3.78
C ILE A 314 -6.40 8.60 -2.64
N ILE A 315 -5.75 7.92 -1.70
CA ILE A 315 -5.48 8.58 -0.42
C ILE A 315 -4.48 9.74 -0.49
N ILE A 316 -3.61 9.84 -1.49
CA ILE A 316 -2.78 11.05 -1.57
C ILE A 316 -3.21 12.00 -2.70
N ARG A 317 -4.38 11.78 -3.28
CA ARG A 317 -4.95 12.76 -4.21
C ARG A 317 -5.57 13.91 -3.42
N SER A 318 -5.41 15.15 -3.92
CA SER A 318 -5.85 16.31 -3.16
C SER A 318 -7.36 16.35 -2.98
N HIS A 319 -8.13 15.76 -3.90
CA HIS A 319 -9.58 15.75 -3.80
C HIS A 319 -10.12 14.43 -3.23
N TRP A 320 -9.36 13.80 -2.34
CA TRP A 320 -9.74 12.50 -1.81
C TRP A 320 -10.94 12.65 -0.88
N THR A 321 -11.26 13.88 -0.47
CA THR A 321 -12.39 14.18 0.41
C THR A 321 -13.73 14.14 -0.31
N ASP A 322 -13.72 14.05 -1.65
CA ASP A 322 -14.96 14.22 -2.41
C ASP A 322 -15.84 12.98 -2.43
N VAL A 323 -15.25 11.80 -2.46
N VAL A 323 -15.23 11.79 -2.42
CA VAL A 323 -16.02 10.58 -2.70
CA VAL A 323 -15.94 10.53 -2.63
C VAL A 323 -16.70 10.13 -1.41
C VAL A 323 -16.71 10.15 -1.38
N GLN A 324 -17.91 9.59 -1.56
CA GLN A 324 -18.72 9.13 -0.43
C GLN A 324 -19.36 7.79 -0.77
N VAL A 325 -19.53 6.96 0.26
CA VAL A 325 -20.33 5.74 0.17
C VAL A 325 -21.43 5.84 1.22
N LYS A 326 -22.69 5.71 0.78
CA LYS A 326 -23.85 5.83 1.65
C LYS A 326 -23.82 7.13 2.45
N GLY A 327 -23.31 8.20 1.85
CA GLY A 327 -23.24 9.51 2.47
C GLY A 327 -22.07 9.77 3.39
N THR A 328 -21.12 8.83 3.51
CA THR A 328 -19.97 8.99 4.38
C THR A 328 -18.70 9.09 3.53
N SER A 329 -17.90 10.13 3.79
CA SER A 329 -16.65 10.35 3.06
C SER A 329 -15.54 9.44 3.59
N LEU A 330 -14.44 9.33 2.83
CA LEU A 330 -13.31 8.52 3.29
C LEU A 330 -12.64 9.13 4.51
N PRO A 331 -12.33 10.43 4.56
CA PRO A 331 -11.80 10.99 5.82
C PRO A 331 -12.69 10.72 7.03
N ARG A 332 -14.00 10.78 6.87
CA ARG A 332 -14.89 10.48 8.00
C ARG A 332 -14.77 9.02 8.43
N ALA A 333 -14.76 8.10 7.47
CA ALA A 333 -14.71 6.67 7.81
C ALA A 333 -13.43 6.33 8.56
N LEU A 334 -12.30 6.94 8.18
CA LEU A 334 -11.04 6.74 8.89
C LEU A 334 -11.09 7.29 10.31
N HIS A 335 -11.76 8.44 10.50
CA HIS A 335 -11.98 8.98 11.84
C HIS A 335 -12.85 8.04 12.69
N CYS A 336 -13.90 7.47 12.11
CA CYS A 336 -14.73 6.50 12.82
C CYS A 336 -13.93 5.25 13.19
N TRP A 337 -13.03 4.82 12.30
CA TRP A 337 -12.11 3.73 12.62
C TRP A 337 -11.26 4.06 13.84
N ASP A 338 -10.69 5.28 13.90
CA ASP A 338 -9.92 5.68 15.08
C ASP A 338 -10.78 5.53 16.35
N ARG A 339 -12.03 6.01 16.29
CA ARG A 339 -12.91 5.93 17.46
C ARG A 339 -13.18 4.48 17.86
N SER A 340 -13.40 3.61 16.88
CA SER A 340 -13.67 2.20 17.17
C SER A 340 -12.50 1.51 17.87
N LEU A 341 -11.27 2.01 17.68
CA LEU A 341 -10.09 1.39 18.27
C LEU A 341 -9.69 2.03 19.59
N HIS A 342 -10.50 2.93 20.13
CA HIS A 342 -10.36 3.32 21.52
C HIS A 342 -10.62 2.12 22.43
N PRO A 351 -20.73 -1.07 17.52
CA PRO A 351 -20.85 -0.04 16.47
C PRO A 351 -21.13 1.35 17.02
N LEU A 352 -20.68 2.37 16.28
CA LEU A 352 -20.86 3.76 16.66
C LEU A 352 -22.02 4.41 15.91
N LYS A 353 -22.63 5.37 16.59
CA LYS A 353 -23.92 5.91 16.22
C LYS A 353 -23.67 6.90 15.10
N GLY A 354 -24.10 6.59 13.88
CA GLY A 354 -23.89 7.52 12.79
C GLY A 354 -22.45 7.72 12.38
N CYS A 355 -21.54 6.80 12.72
CA CYS A 355 -20.13 6.98 12.38
C CYS A 355 -19.66 5.59 11.93
N PRO A 356 -19.97 5.20 10.69
CA PRO A 356 -19.70 3.84 10.23
C PRO A 356 -18.26 3.62 9.79
N VAL A 357 -17.87 2.34 9.83
CA VAL A 357 -16.52 1.95 9.44
C VAL A 357 -16.50 0.95 8.28
N HIS A 358 -17.60 0.26 7.99
CA HIS A 358 -17.68 -0.71 6.90
C HIS A 358 -18.62 -0.13 5.85
N LEU A 359 -18.08 0.24 4.68
CA LEU A 359 -18.82 1.01 3.68
C LEU A 359 -18.51 0.44 2.29
N VAL A 360 -19.43 -0.36 1.75
CA VAL A 360 -19.22 -1.05 0.48
C VAL A 360 -20.46 -0.87 -0.39
N ASP A 361 -20.30 -0.22 -1.56
CA ASP A 361 -21.43 -0.11 -2.49
C ASP A 361 -22.00 -1.45 -2.92
N SER A 362 -23.32 -1.47 -3.06
CA SER A 362 -24.07 -2.61 -3.57
C SER A 362 -24.52 -2.43 -5.02
N CYS A 363 -24.44 -1.21 -5.57
CA CYS A 363 -24.92 -1.10 -6.94
C CYS A 363 -23.85 -1.60 -7.92
N PRO A 364 -24.28 -2.19 -9.05
CA PRO A 364 -23.40 -3.13 -9.75
C PRO A 364 -22.71 -2.63 -11.03
N TRP A 365 -22.60 -1.33 -11.25
CA TRP A 365 -21.98 -0.83 -12.49
C TRP A 365 -21.12 0.41 -12.23
N PRO A 366 -19.95 0.54 -12.91
CA PRO A 366 -19.13 1.74 -12.73
C PRO A 366 -19.91 3.05 -12.79
N HIS A 367 -19.82 3.79 -11.69
CA HIS A 367 -20.23 5.18 -11.53
C HIS A 367 -21.74 5.20 -11.23
N CYS A 368 -22.29 4.08 -10.75
CA CYS A 368 -23.61 4.12 -10.14
C CYS A 368 -23.60 4.89 -8.83
N ASN A 369 -22.42 5.12 -8.26
CA ASN A 369 -22.23 6.04 -7.14
C ASN A 369 -22.03 7.45 -7.71
N PRO A 370 -22.92 8.41 -7.43
CA PRO A 370 -22.78 9.73 -8.07
C PRO A 370 -21.52 10.49 -7.69
N SER A 371 -20.85 10.12 -6.59
CA SER A 371 -19.69 10.88 -6.12
C SER A 371 -18.37 10.36 -6.70
N CYS A 372 -18.43 9.43 -7.65
CA CYS A 372 -17.22 8.89 -8.25
C CYS A 372 -16.39 10.02 -8.89
N PRO A 373 -15.07 9.86 -8.95
CA PRO A 373 -14.23 10.87 -9.62
C PRO A 373 -14.56 10.99 -11.10
N THR A 374 -14.23 12.13 -11.67
CA THR A 374 -14.39 12.35 -13.10
C THR A 374 -13.05 12.19 -13.81
S SO4 B . 13.07 8.89 -14.75
O1 SO4 B . 12.40 8.41 -13.53
O2 SO4 B . 14.33 9.51 -14.33
O3 SO4 B . 13.34 7.75 -15.63
O4 SO4 B . 12.24 9.86 -15.45
C1 NAG C . 22.67 -2.14 7.90
C2 NAG C . 22.84 -2.74 9.29
C3 NAG C . 23.16 -4.23 9.21
C4 NAG C . 22.26 -4.97 8.22
C5 NAG C . 22.12 -4.20 6.92
C6 NAG C . 21.08 -4.79 5.99
C7 NAG C . 23.71 -1.48 11.22
C8 NAG C . 24.91 -0.82 11.82
N2 NAG C . 23.89 -2.05 10.02
O3 NAG C . 22.96 -4.78 10.51
O4 NAG C . 22.88 -6.22 7.94
O5 NAG C . 21.70 -2.86 7.20
O6 NAG C . 19.81 -4.88 6.62
O7 NAG C . 22.62 -1.51 11.79
S SO4 D . -24.01 -3.75 2.37
O1 SO4 D . -24.76 -2.69 1.69
O2 SO4 D . -23.93 -3.43 3.80
O3 SO4 D . -24.69 -5.03 2.20
O4 SO4 D . -22.67 -3.82 1.82
S SO4 E . 20.61 -10.74 -13.04
O1 SO4 E . 19.70 -9.62 -12.81
O2 SO4 E . 21.57 -10.85 -11.95
O3 SO4 E . 19.84 -11.98 -13.16
O4 SO4 E . 21.34 -10.54 -14.30
S SO4 F . -5.93 15.62 13.51
O1 SO4 F . -6.06 16.68 14.52
O2 SO4 F . -6.37 14.33 14.07
O3 SO4 F . -6.73 15.93 12.35
O4 SO4 F . -4.52 15.50 13.14
S SO4 G . 0.06 -19.42 15.11
O1 SO4 G . 0.56 -18.12 15.57
O2 SO4 G . -0.31 -20.23 16.27
O3 SO4 G . -1.13 -19.21 14.28
O4 SO4 G . 1.09 -20.11 14.33
S SO4 H . -20.81 -0.02 10.24
O1 SO4 H . -21.23 0.30 11.59
O2 SO4 H . -21.53 0.79 9.26
O3 SO4 H . -21.12 -1.42 9.96
O4 SO4 H . -19.36 0.18 10.08
C1 EDO I . -2.59 14.18 18.54
O1 EDO I . -4.02 14.16 18.53
C2 EDO I . -2.09 13.12 19.51
O2 EDO I . -0.69 13.28 19.66
C1 EDO J . -4.64 -13.59 -12.88
O1 EDO J . -3.54 -14.28 -13.49
C2 EDO J . -5.14 -12.55 -13.88
O2 EDO J . -6.02 -11.66 -13.21
C10 TAH K . -0.47 -8.23 -7.99
C13 TAH K . 0.37 -6.15 -6.39
C15 TAH K . 0.51 -4.52 -8.34
C01 TAH K . -4.21 -9.77 -10.96
C02 TAH K . -3.06 -10.53 -11.14
C03 TAH K . -1.76 -9.92 -11.07
C04 TAH K . -1.66 -8.56 -10.84
C05 TAH K . -2.86 -7.75 -10.65
C06 TAH K . -4.10 -8.34 -10.71
C07 TAH K . -0.25 -7.88 -10.75
C09 TAH K . -0.20 -6.97 -8.56
C11 TAH K . -0.30 -8.45 -6.64
C12 TAH K . 0.11 -7.41 -5.84
C14 TAH K . 0.22 -5.92 -7.74
N17 TAH K . -0.35 -3.99 -9.40
N18 TAH K . -0.10 -2.69 -9.95
O08 TAH K . -0.37 -6.74 -9.94
O16 TAH K . 1.40 -3.88 -7.92
#